data_1U5O
#
_entry.id   1U5O
#
_cell.length_a   55.847
_cell.length_b   56.917
_cell.length_c   85.949
_cell.angle_alpha   90.00
_cell.angle_beta   90.00
_cell.angle_gamma   90.00
#
_symmetry.space_group_name_H-M   'P 21 21 21'
#
loop_
_entity.id
_entity.type
_entity.pdbx_description
1 polymer 'Nuclear transport factor 2'
2 water water
#
_entity_poly.entity_id   1
_entity_poly.type   'polypeptide(L)'
_entity_poly.pdbx_seq_one_letter_code
;MGDKPIWEQIGSSFIQHYYQLFANDRTQLGAIYIDASCLTWEGQQFQGKAAIVEKLSSLPFQKIQHSITAQDHQPTPDSC
IISMVVGQLKADEDPIMGFHQMFLLKNINDAWVCTNDMFRLALHNFG
;
_entity_poly.pdbx_strand_id   A,B
#
# COMPACT_ATOMS: atom_id res chain seq x y z
N GLY A 2 9.49 16.54 -17.06
CA GLY A 2 10.88 17.05 -17.40
C GLY A 2 12.00 16.53 -16.52
N ASP A 3 11.77 15.39 -15.86
CA ASP A 3 12.75 14.73 -14.99
C ASP A 3 12.10 13.84 -13.94
N LYS A 4 12.32 14.15 -12.67
CA LYS A 4 11.73 13.36 -11.60
C LYS A 4 10.24 13.67 -11.54
N PRO A 5 9.39 12.66 -11.81
CA PRO A 5 7.93 12.83 -11.79
C PRO A 5 7.42 13.64 -10.58
N ILE A 6 6.39 14.43 -10.81
CA ILE A 6 5.79 15.26 -9.76
C ILE A 6 5.25 14.43 -8.59
N TRP A 7 4.63 13.29 -8.89
CA TRP A 7 4.07 12.42 -7.85
C TRP A 7 5.13 11.83 -6.94
N GLU A 8 6.37 11.79 -7.45
CA GLU A 8 7.49 11.26 -6.69
C GLU A 8 8.11 12.38 -5.87
N GLN A 9 7.83 13.62 -6.25
CA GLN A 9 8.37 14.74 -5.51
C GLN A 9 7.41 15.00 -4.36
N ILE A 10 6.13 15.02 -4.68
CA ILE A 10 5.07 15.26 -3.72
C ILE A 10 5.01 14.14 -2.67
N GLY A 11 5.08 12.90 -3.14
CA GLY A 11 5.03 11.74 -2.26
C GLY A 11 6.13 11.68 -1.23
N SER A 12 7.38 11.59 -1.67
CA SER A 12 8.49 11.53 -0.72
C SER A 12 8.44 12.72 0.23
N SER A 13 7.93 13.84 -0.26
CA SER A 13 7.84 15.07 0.52
C SER A 13 6.75 14.94 1.59
N PHE A 14 5.75 14.10 1.32
CA PHE A 14 4.67 13.87 2.27
C PHE A 14 5.19 12.93 3.35
N ILE A 15 5.80 11.83 2.89
CA ILE A 15 6.39 10.82 3.76
C ILE A 15 7.29 11.49 4.77
N GLN A 16 8.20 12.31 4.25
CA GLN A 16 9.15 13.06 5.05
C GLN A 16 8.45 13.85 6.14
N HIS A 17 7.51 14.69 5.72
CA HIS A 17 6.79 15.52 6.68
C HIS A 17 5.93 14.69 7.63
N TYR A 18 5.36 13.58 7.16
CA TYR A 18 4.52 12.77 8.02
C TYR A 18 5.26 12.16 9.20
N TYR A 19 6.35 11.45 8.91
CA TYR A 19 7.15 10.78 9.95
C TYR A 19 7.83 11.75 10.92
N GLN A 20 8.39 12.82 10.40
CA GLN A 20 9.03 13.79 11.28
C GLN A 20 8.00 14.22 12.32
N LEU A 21 6.83 14.63 11.85
CA LEU A 21 5.75 15.07 12.73
C LEU A 21 5.29 13.96 13.65
N PHE A 22 5.45 12.72 13.19
CA PHE A 22 5.05 11.57 13.97
C PHE A 22 6.00 11.41 15.15
N ALA A 23 7.22 11.90 15.01
CA ALA A 23 8.20 11.77 16.08
C ALA A 23 8.32 13.01 16.97
N ASN A 24 7.76 14.14 16.54
CA ASN A 24 7.89 15.36 17.34
C ASN A 24 6.61 15.86 18.01
N ASP A 25 5.45 15.57 17.44
CA ASP A 25 4.19 16.03 18.04
C ASP A 25 2.99 15.45 17.30
N ARG A 26 2.65 14.22 17.65
CA ARG A 26 1.54 13.52 17.02
C ARG A 26 0.21 14.27 17.03
N THR A 27 -0.03 15.08 18.06
CA THR A 27 -1.30 15.81 18.14
C THR A 27 -1.42 16.88 17.05
N GLN A 28 -0.46 16.91 16.13
CA GLN A 28 -0.48 17.89 15.04
C GLN A 28 -0.73 17.28 13.67
N LEU A 29 -0.97 15.97 13.63
CA LEU A 29 -1.21 15.27 12.38
C LEU A 29 -2.50 15.66 11.67
N GLY A 30 -3.45 16.21 12.42
CA GLY A 30 -4.71 16.60 11.83
C GLY A 30 -4.60 17.39 10.53
N ALA A 31 -3.62 18.28 10.48
CA ALA A 31 -3.41 19.14 9.33
C ALA A 31 -3.06 18.50 7.98
N ILE A 32 -2.71 17.21 7.97
CA ILE A 32 -2.38 16.57 6.70
C ILE A 32 -3.47 15.59 6.27
N TYR A 33 -4.59 15.64 6.98
CA TYR A 33 -5.74 14.79 6.69
C TYR A 33 -6.94 15.69 6.52
N ILE A 34 -7.88 15.29 5.67
CA ILE A 34 -9.10 16.08 5.51
C ILE A 34 -10.04 15.51 6.53
N ASP A 35 -11.25 16.04 6.58
CA ASP A 35 -12.20 15.56 7.56
C ASP A 35 -12.74 14.18 7.24
N ALA A 36 -12.90 13.88 5.95
CA ALA A 36 -13.40 12.59 5.52
C ALA A 36 -12.29 11.58 5.30
N SER A 37 -11.31 11.55 6.20
CA SER A 37 -10.19 10.62 6.08
C SER A 37 -10.50 9.24 6.65
N CYS A 38 -9.57 8.32 6.47
CA CYS A 38 -9.75 6.96 6.96
C CYS A 38 -8.38 6.35 7.31
N LEU A 39 -8.28 5.78 8.51
CA LEU A 39 -7.03 5.17 8.97
C LEU A 39 -7.19 3.72 9.44
N THR A 40 -6.21 2.87 9.14
CA THR A 40 -6.26 1.49 9.59
C THR A 40 -4.94 1.20 10.33
N TRP A 41 -5.03 1.06 11.65
CA TRP A 41 -3.87 0.81 12.50
C TRP A 41 -3.94 -0.60 13.11
N GLU A 42 -3.14 -1.52 12.60
CA GLU A 42 -3.14 -2.90 13.09
C GLU A 42 -4.53 -3.50 12.96
N GLY A 43 -5.02 -3.54 11.73
CA GLY A 43 -6.34 -4.09 11.48
C GLY A 43 -7.49 -3.17 11.83
N GLN A 44 -7.25 -2.17 12.68
CA GLN A 44 -8.31 -1.27 13.11
C GLN A 44 -8.50 0.00 12.29
N GLN A 45 -9.73 0.16 11.81
CA GLN A 45 -10.12 1.30 11.00
C GLN A 45 -10.66 2.48 11.82
N PHE A 46 -10.38 3.69 11.36
CA PHE A 46 -10.81 4.91 12.01
C PHE A 46 -11.25 5.88 10.93
N GLN A 47 -12.40 6.49 11.10
CA GLN A 47 -12.92 7.42 10.12
C GLN A 47 -13.02 8.85 10.63
N GLY A 48 -12.86 9.81 9.73
CA GLY A 48 -12.93 11.21 10.12
C GLY A 48 -11.61 11.68 10.69
N LYS A 49 -11.31 12.96 10.53
CA LYS A 49 -10.07 13.51 11.04
C LYS A 49 -9.94 13.30 12.55
N ALA A 50 -10.88 13.85 13.31
CA ALA A 50 -10.90 13.67 14.77
C ALA A 50 -10.51 12.32 15.34
N ALA A 51 -11.19 11.26 14.89
CA ALA A 51 -10.91 9.92 15.38
C ALA A 51 -9.51 9.43 15.02
N ILE A 52 -8.93 10.02 13.99
CA ILE A 52 -7.60 9.64 13.52
C ILE A 52 -6.53 10.26 14.41
N VAL A 53 -6.60 11.59 14.54
CA VAL A 53 -5.65 12.34 15.37
C VAL A 53 -5.64 11.71 16.75
N GLU A 54 -6.83 11.59 17.32
CA GLU A 54 -7.07 11.02 18.62
C GLU A 54 -6.39 9.65 18.77
N LYS A 55 -6.70 8.73 17.86
CA LYS A 55 -6.09 7.41 17.91
C LYS A 55 -4.56 7.52 17.99
N LEU A 56 -4.00 8.30 17.07
CA LEU A 56 -2.56 8.50 17.02
C LEU A 56 -2.00 9.17 18.27
N SER A 57 -2.79 10.04 18.88
CA SER A 57 -2.36 10.72 20.08
C SER A 57 -2.23 9.79 21.27
N SER A 58 -2.96 8.67 21.24
CA SER A 58 -2.92 7.74 22.37
C SER A 58 -1.91 6.60 22.33
N LEU A 59 -1.14 6.46 21.24
CA LEU A 59 -0.15 5.39 21.17
C LEU A 59 0.86 5.48 22.33
N PRO A 60 0.94 4.41 23.16
CA PRO A 60 1.84 4.31 24.34
C PRO A 60 3.35 4.47 24.16
N PHE A 61 3.80 5.08 23.06
CA PHE A 61 5.23 5.25 22.82
C PHE A 61 5.69 6.62 23.29
N GLN A 62 7.00 6.78 23.49
CA GLN A 62 7.56 8.05 23.91
C GLN A 62 8.58 8.55 22.87
N LYS A 63 9.55 7.73 22.52
CA LYS A 63 10.50 8.09 21.48
C LYS A 63 10.41 7.12 20.31
N ILE A 64 10.30 7.62 19.11
CA ILE A 64 10.18 6.78 17.93
C ILE A 64 11.09 7.25 16.81
N GLN A 65 11.54 6.31 16.00
CA GLN A 65 12.44 6.60 14.90
C GLN A 65 12.06 5.78 13.67
N HIS A 66 12.27 6.33 12.48
CA HIS A 66 11.94 5.59 11.26
C HIS A 66 13.05 5.60 10.23
N SER A 67 13.08 4.54 9.42
CA SER A 67 14.05 4.38 8.36
C SER A 67 13.31 3.88 7.12
N ILE A 68 12.99 4.80 6.22
CA ILE A 68 12.29 4.47 4.99
C ILE A 68 13.25 3.66 4.14
N THR A 69 12.97 2.36 3.99
CA THR A 69 13.82 1.47 3.21
C THR A 69 13.48 1.55 1.74
N ALA A 70 12.20 1.70 1.47
CA ALA A 70 11.71 1.80 0.11
C ALA A 70 10.40 2.57 0.14
N GLN A 71 10.15 3.32 -0.94
CA GLN A 71 8.93 4.11 -1.08
C GLN A 71 8.56 4.23 -2.55
N ASP A 72 7.38 3.73 -2.90
CA ASP A 72 6.90 3.78 -4.28
C ASP A 72 5.72 4.73 -4.43
N HIS A 73 5.76 5.54 -5.49
CA HIS A 73 4.67 6.50 -5.76
C HIS A 73 4.15 6.37 -7.19
N GLN A 74 2.84 6.45 -7.36
CA GLN A 74 2.22 6.37 -8.69
C GLN A 74 1.00 7.26 -8.71
N PRO A 75 0.67 7.85 -9.87
CA PRO A 75 -0.51 8.71 -9.95
C PRO A 75 -1.67 7.79 -10.26
N THR A 76 -2.86 8.12 -9.75
CA THR A 76 -4.02 7.28 -9.99
C THR A 76 -4.93 7.93 -11.03
N PRO A 77 -5.88 7.16 -11.59
CA PRO A 77 -6.80 7.69 -12.59
C PRO A 77 -7.54 8.95 -12.15
N ASP A 78 -7.89 9.01 -10.87
CA ASP A 78 -8.62 10.15 -10.33
C ASP A 78 -7.72 11.32 -9.91
N SER A 79 -6.55 11.41 -10.53
CA SER A 79 -5.63 12.50 -10.20
C SER A 79 -5.19 12.53 -8.74
N CYS A 80 -4.86 11.37 -8.18
CA CYS A 80 -4.38 11.27 -6.82
C CYS A 80 -2.98 10.65 -6.86
N ILE A 81 -2.38 10.51 -5.69
CA ILE A 81 -1.06 9.92 -5.57
C ILE A 81 -1.17 8.83 -4.50
N ILE A 82 -0.80 7.61 -4.88
CA ILE A 82 -0.86 6.51 -3.95
C ILE A 82 0.58 6.10 -3.66
N SER A 83 0.91 5.95 -2.38
CA SER A 83 2.27 5.61 -1.98
C SER A 83 2.38 4.38 -1.11
N MET A 84 3.44 3.61 -1.31
CA MET A 84 3.65 2.43 -0.47
C MET A 84 5.00 2.56 0.22
N VAL A 85 5.02 2.35 1.53
CA VAL A 85 6.24 2.44 2.29
C VAL A 85 6.60 1.16 3.03
N VAL A 86 7.84 0.75 2.90
CA VAL A 86 8.36 -0.43 3.57
C VAL A 86 9.61 0.08 4.27
N GLY A 87 9.70 -0.17 5.57
CA GLY A 87 10.88 0.29 6.29
C GLY A 87 10.99 -0.33 7.68
N GLN A 88 11.70 0.34 8.57
CA GLN A 88 11.89 -0.16 9.91
C GLN A 88 11.83 0.94 10.95
N LEU A 89 11.40 0.58 12.15
CA LEU A 89 11.31 1.53 13.25
C LEU A 89 11.73 0.91 14.58
N LYS A 90 12.08 1.78 15.52
CA LYS A 90 12.47 1.36 16.86
C LYS A 90 11.70 2.24 17.82
N ALA A 91 10.82 1.63 18.58
CA ALA A 91 10.00 2.35 19.56
C ALA A 91 10.61 2.22 20.94
N ASP A 92 11.25 3.29 21.41
CA ASP A 92 11.88 3.28 22.71
C ASP A 92 12.92 2.17 22.74
N GLU A 93 12.82 1.28 23.71
CA GLU A 93 13.78 0.18 23.78
C GLU A 93 13.15 -1.10 23.26
N ASP A 94 12.09 -0.95 22.47
CA ASP A 94 11.43 -2.07 21.87
C ASP A 94 12.41 -2.51 20.79
N PRO A 95 12.39 -3.81 20.43
CA PRO A 95 13.29 -4.33 19.40
C PRO A 95 12.99 -3.74 18.03
N ILE A 96 14.03 -3.49 17.24
CA ILE A 96 13.83 -2.94 15.90
C ILE A 96 12.83 -3.84 15.17
N MET A 97 11.87 -3.25 14.46
CA MET A 97 10.91 -4.04 13.71
C MET A 97 10.55 -3.45 12.37
N GLY A 98 10.14 -4.32 11.46
CA GLY A 98 9.76 -3.89 10.13
C GLY A 98 8.34 -3.39 10.15
N PHE A 99 7.89 -2.81 9.04
CA PHE A 99 6.53 -2.29 8.94
C PHE A 99 6.25 -1.77 7.55
N HIS A 100 4.98 -1.64 7.22
CA HIS A 100 4.62 -1.08 5.94
C HIS A 100 3.46 -0.10 6.16
N GLN A 101 3.43 0.94 5.35
CA GLN A 101 2.39 1.92 5.49
C GLN A 101 1.94 2.30 4.09
N MET A 102 0.77 2.90 3.97
CA MET A 102 0.29 3.33 2.66
C MET A 102 -0.38 4.67 2.83
N PHE A 103 -0.34 5.50 1.80
CA PHE A 103 -0.94 6.82 1.87
C PHE A 103 -1.57 7.13 0.53
N LEU A 104 -2.72 7.79 0.55
CA LEU A 104 -3.37 8.19 -0.68
C LEU A 104 -3.53 9.68 -0.52
N LEU A 105 -2.76 10.43 -1.31
CA LEU A 105 -2.81 11.87 -1.25
C LEU A 105 -3.80 12.37 -2.29
N LYS A 106 -4.38 13.53 -1.99
CA LYS A 106 -5.35 14.16 -2.87
C LYS A 106 -5.09 15.67 -2.86
N ASN A 107 -5.30 16.32 -3.99
CA ASN A 107 -5.08 17.76 -4.07
C ASN A 107 -6.33 18.54 -3.72
N ILE A 108 -6.28 19.23 -2.60
CA ILE A 108 -7.40 20.02 -2.13
C ILE A 108 -6.90 21.38 -1.66
N ASN A 109 -7.68 22.43 -1.95
CA ASN A 109 -7.27 23.78 -1.56
C ASN A 109 -5.89 24.03 -2.16
N ASP A 110 -5.56 23.29 -3.21
CA ASP A 110 -4.26 23.44 -3.85
C ASP A 110 -3.15 23.08 -2.86
N ALA A 111 -3.34 21.94 -2.20
CA ALA A 111 -2.39 21.41 -1.22
C ALA A 111 -2.68 19.90 -1.20
N TRP A 112 -1.64 19.08 -1.06
CA TRP A 112 -1.89 17.66 -1.04
C TRP A 112 -2.19 17.19 0.36
N VAL A 113 -3.31 16.48 0.51
CA VAL A 113 -3.72 15.99 1.82
C VAL A 113 -4.06 14.51 1.75
N CYS A 114 -3.84 13.83 2.87
CA CYS A 114 -4.09 12.40 2.99
C CYS A 114 -5.54 12.04 3.22
N THR A 115 -6.05 11.10 2.43
CA THR A 115 -7.44 10.67 2.57
C THR A 115 -7.48 9.24 3.10
N ASN A 116 -6.46 8.47 2.77
CA ASN A 116 -6.41 7.10 3.22
C ASN A 116 -5.02 6.83 3.75
N ASP A 117 -4.95 6.11 4.87
CA ASP A 117 -3.69 5.76 5.52
C ASP A 117 -3.81 4.38 6.18
N MET A 118 -2.84 3.52 5.90
CA MET A 118 -2.81 2.15 6.45
C MET A 118 -1.46 1.85 7.07
N PHE A 119 -1.48 1.29 8.28
CA PHE A 119 -0.25 0.96 8.99
C PHE A 119 -0.33 -0.42 9.62
N ARG A 120 0.79 -1.15 9.59
CA ARG A 120 0.84 -2.48 10.19
C ARG A 120 2.27 -2.94 10.39
N LEU A 121 2.59 -3.29 11.64
CA LEU A 121 3.92 -3.78 11.98
C LEU A 121 4.17 -5.12 11.33
N ALA A 122 5.41 -5.38 10.94
CA ALA A 122 5.76 -6.66 10.32
C ALA A 122 6.11 -7.57 11.48
N LEU A 123 5.18 -8.48 11.81
CA LEU A 123 5.36 -9.40 12.92
C LEU A 123 6.36 -10.53 12.70
N HIS A 124 7.23 -10.74 13.68
CA HIS A 124 8.22 -11.80 13.59
C HIS A 124 7.55 -13.16 13.65
N ASN A 125 8.16 -14.12 12.99
CA ASN A 125 7.62 -15.46 12.93
C ASN A 125 8.40 -16.41 13.84
N PHE A 126 7.66 -17.13 14.69
CA PHE A 126 8.23 -18.08 15.65
C PHE A 126 7.46 -19.41 15.56
N LYS B 4 -19.21 -8.31 7.72
CA LYS B 4 -18.05 -7.96 6.83
C LYS B 4 -18.30 -6.72 5.97
N PRO B 5 -17.55 -5.63 6.20
CA PRO B 5 -17.73 -4.39 5.42
C PRO B 5 -17.65 -4.67 3.93
N ILE B 6 -18.48 -3.99 3.15
CA ILE B 6 -18.48 -4.19 1.70
C ILE B 6 -17.10 -4.00 1.08
N TRP B 7 -16.35 -3.00 1.52
CA TRP B 7 -15.04 -2.81 0.94
C TRP B 7 -14.15 -4.03 1.17
N GLU B 8 -14.35 -4.74 2.27
CA GLU B 8 -13.55 -5.93 2.53
C GLU B 8 -13.97 -7.05 1.59
N GLN B 9 -15.26 -7.20 1.37
CA GLN B 9 -15.76 -8.23 0.48
C GLN B 9 -15.18 -8.07 -0.92
N ILE B 10 -15.18 -6.84 -1.45
CA ILE B 10 -14.64 -6.57 -2.78
C ILE B 10 -13.13 -6.86 -2.83
N GLY B 11 -12.37 -6.20 -1.96
CA GLY B 11 -10.92 -6.39 -1.90
C GLY B 11 -10.41 -7.80 -1.71
N SER B 12 -11.00 -8.54 -0.78
CA SER B 12 -10.62 -9.93 -0.49
C SER B 12 -10.87 -10.79 -1.71
N SER B 13 -12.03 -10.61 -2.31
CA SER B 13 -12.43 -11.35 -3.49
C SER B 13 -11.50 -11.03 -4.65
N PHE B 14 -10.93 -9.83 -4.65
CA PHE B 14 -10.01 -9.43 -5.70
C PHE B 14 -8.62 -10.04 -5.49
N ILE B 15 -8.08 -9.96 -4.28
CA ILE B 15 -6.77 -10.54 -4.02
C ILE B 15 -6.77 -12.07 -4.18
N GLN B 16 -7.88 -12.72 -3.84
CA GLN B 16 -7.98 -14.17 -3.99
C GLN B 16 -7.91 -14.46 -5.49
N HIS B 17 -8.65 -13.67 -6.25
CA HIS B 17 -8.68 -13.84 -7.70
C HIS B 17 -7.29 -13.57 -8.27
N TYR B 18 -6.65 -12.54 -7.74
CA TYR B 18 -5.33 -12.13 -8.20
C TYR B 18 -4.22 -13.13 -7.87
N TYR B 19 -4.26 -13.72 -6.67
CA TYR B 19 -3.24 -14.68 -6.28
C TYR B 19 -3.52 -16.09 -6.75
N GLN B 20 -4.75 -16.31 -7.19
CA GLN B 20 -5.15 -17.62 -7.67
C GLN B 20 -4.70 -17.69 -9.12
N LEU B 21 -4.70 -16.53 -9.78
CA LEU B 21 -4.25 -16.42 -11.17
C LEU B 21 -2.73 -16.47 -11.18
N PHE B 22 -2.15 -15.66 -10.29
CA PHE B 22 -0.72 -15.55 -10.15
C PHE B 22 -0.07 -16.92 -9.87
N ALA B 23 -0.75 -17.78 -9.14
CA ALA B 23 -0.16 -19.08 -8.85
C ALA B 23 -0.35 -20.05 -10.01
N ASN B 24 -1.56 -20.04 -10.59
CA ASN B 24 -1.91 -20.95 -11.68
C ASN B 24 -1.55 -20.50 -13.10
N ASP B 25 -2.28 -19.52 -13.65
CA ASP B 25 -2.00 -19.05 -15.01
C ASP B 25 -1.66 -17.56 -15.08
N ARG B 26 -0.37 -17.25 -15.01
CA ARG B 26 0.13 -15.88 -15.04
C ARG B 26 -0.20 -15.10 -16.32
N THR B 27 -0.27 -15.81 -17.45
CA THR B 27 -0.55 -15.18 -18.73
C THR B 27 -1.97 -14.62 -18.86
N GLN B 28 -2.83 -14.96 -17.90
CA GLN B 28 -4.22 -14.48 -17.91
C GLN B 28 -4.43 -13.42 -16.82
N LEU B 29 -3.35 -12.93 -16.22
CA LEU B 29 -3.46 -11.91 -15.18
C LEU B 29 -3.93 -10.58 -15.74
N GLY B 30 -4.11 -10.49 -17.06
CA GLY B 30 -4.54 -9.24 -17.65
C GLY B 30 -6.00 -8.97 -17.34
N ALA B 31 -6.71 -10.05 -16.99
CA ALA B 31 -8.13 -10.00 -16.68
C ALA B 31 -8.48 -9.09 -15.51
N ILE B 32 -7.50 -8.75 -14.68
CA ILE B 32 -7.79 -7.88 -13.55
C ILE B 32 -7.15 -6.50 -13.61
N TYR B 33 -6.67 -6.13 -14.80
CA TYR B 33 -6.05 -4.83 -15.04
C TYR B 33 -6.77 -4.12 -16.20
N ILE B 34 -6.43 -2.84 -16.42
CA ILE B 34 -6.97 -2.09 -17.54
C ILE B 34 -5.75 -1.64 -18.34
N ASP B 35 -5.95 -1.21 -19.58
CA ASP B 35 -4.82 -0.80 -20.41
C ASP B 35 -3.95 0.29 -19.76
N ALA B 36 -4.55 1.17 -18.97
CA ALA B 36 -3.79 2.23 -18.34
C ALA B 36 -3.34 1.90 -16.92
N SER B 37 -3.20 0.60 -16.63
CA SER B 37 -2.77 0.18 -15.30
C SER B 37 -1.27 0.40 -15.10
N CYS B 38 -0.87 0.65 -13.86
CA CYS B 38 0.53 0.87 -13.55
C CYS B 38 1.02 -0.02 -12.41
N LEU B 39 2.17 -0.66 -12.62
CA LEU B 39 2.74 -1.54 -11.63
C LEU B 39 4.18 -1.18 -11.28
N THR B 40 4.51 -1.23 -10.01
CA THR B 40 5.87 -0.98 -9.57
C THR B 40 6.29 -2.24 -8.86
N TRP B 41 7.20 -2.97 -9.49
CA TRP B 41 7.70 -4.26 -9.00
C TRP B 41 9.16 -4.15 -8.60
N GLU B 42 9.44 -4.45 -7.33
CA GLU B 42 10.79 -4.36 -6.80
C GLU B 42 11.45 -3.04 -7.20
N GLY B 43 10.65 -1.98 -7.29
CA GLY B 43 11.18 -0.67 -7.66
C GLY B 43 11.13 -0.33 -9.14
N GLN B 44 10.97 -1.34 -9.98
CA GLN B 44 10.89 -1.13 -11.41
C GLN B 44 9.44 -0.89 -11.82
N GLN B 45 9.23 0.10 -12.68
CA GLN B 45 7.88 0.46 -13.11
C GLN B 45 7.50 -0.08 -14.49
N PHE B 46 6.30 -0.66 -14.60
CA PHE B 46 5.79 -1.19 -15.85
C PHE B 46 4.42 -0.58 -16.14
N GLN B 47 4.38 0.33 -17.13
CA GLN B 47 3.15 1.04 -17.47
C GLN B 47 2.32 0.40 -18.56
N GLY B 48 1.03 0.22 -18.28
CA GLY B 48 0.14 -0.37 -19.26
C GLY B 48 -0.01 -1.88 -19.11
N LYS B 49 -1.21 -2.37 -19.43
CA LYS B 49 -1.52 -3.80 -19.33
C LYS B 49 -0.53 -4.68 -20.08
N ALA B 50 -0.14 -4.26 -21.28
CA ALA B 50 0.80 -5.05 -22.08
C ALA B 50 2.13 -5.29 -21.34
N ALA B 51 2.75 -4.22 -20.88
CA ALA B 51 4.01 -4.32 -20.15
C ALA B 51 3.86 -5.20 -18.92
N ILE B 52 2.94 -4.80 -18.04
CA ILE B 52 2.66 -5.48 -16.79
C ILE B 52 2.50 -7.00 -16.88
N VAL B 53 1.61 -7.47 -17.75
CA VAL B 53 1.40 -8.90 -17.91
C VAL B 53 2.67 -9.58 -18.38
N GLU B 54 3.35 -8.97 -19.36
CA GLU B 54 4.59 -9.52 -19.88
C GLU B 54 5.67 -9.64 -18.79
N LYS B 55 5.65 -8.71 -17.84
CA LYS B 55 6.61 -8.71 -16.75
C LYS B 55 6.36 -9.88 -15.82
N LEU B 56 5.12 -10.00 -15.36
CA LEU B 56 4.70 -11.06 -14.45
C LEU B 56 4.79 -12.41 -15.13
N SER B 57 4.28 -12.50 -16.36
CA SER B 57 4.30 -13.73 -17.12
C SER B 57 5.68 -14.33 -17.35
N SER B 58 6.70 -13.48 -17.49
CA SER B 58 8.04 -13.98 -17.78
C SER B 58 8.98 -14.18 -16.59
N LEU B 59 8.52 -13.95 -15.37
CA LEU B 59 9.37 -14.15 -14.22
C LEU B 59 9.94 -15.55 -14.38
N PRO B 60 11.26 -15.72 -14.15
CA PRO B 60 11.97 -17.00 -14.29
C PRO B 60 11.57 -18.15 -13.38
N PHE B 61 10.34 -18.64 -13.51
CA PHE B 61 9.91 -19.76 -12.69
C PHE B 61 8.56 -20.37 -13.08
N GLN B 62 8.41 -21.66 -12.82
CA GLN B 62 7.21 -22.42 -13.14
C GLN B 62 6.02 -22.20 -12.19
N LYS B 63 6.29 -22.02 -10.91
CA LYS B 63 5.21 -21.79 -9.94
C LYS B 63 5.65 -20.89 -8.79
N ILE B 64 4.79 -19.95 -8.44
CA ILE B 64 5.07 -19.06 -7.33
C ILE B 64 3.81 -19.11 -6.46
N GLN B 65 3.98 -19.48 -5.20
CA GLN B 65 2.87 -19.57 -4.25
C GLN B 65 2.83 -18.31 -3.41
N HIS B 66 1.65 -17.97 -2.89
CA HIS B 66 1.53 -16.79 -2.04
C HIS B 66 0.66 -17.07 -0.84
N SER B 67 1.16 -16.75 0.35
CA SER B 67 0.37 -16.92 1.57
C SER B 67 0.29 -15.57 2.25
N ILE B 68 -0.94 -15.14 2.52
CA ILE B 68 -1.20 -13.87 3.16
C ILE B 68 -1.14 -14.01 4.66
N THR B 69 -0.30 -13.19 5.28
CA THR B 69 -0.19 -13.23 6.73
C THR B 69 -1.20 -12.25 7.31
N ALA B 70 -1.58 -11.26 6.50
CA ALA B 70 -2.55 -10.26 6.91
C ALA B 70 -2.93 -9.42 5.72
N GLN B 71 -4.19 -9.00 5.69
CA GLN B 71 -4.71 -8.18 4.61
C GLN B 71 -5.68 -7.12 5.15
N ASP B 72 -5.42 -5.88 4.77
CA ASP B 72 -6.25 -4.76 5.19
C ASP B 72 -6.92 -4.15 3.96
N HIS B 73 -8.16 -3.73 4.10
CA HIS B 73 -8.89 -3.12 2.99
C HIS B 73 -9.50 -1.80 3.44
N GLN B 74 -9.83 -0.93 2.49
CA GLN B 74 -10.34 0.39 2.84
C GLN B 74 -11.02 1.09 1.68
N PRO B 75 -12.11 1.82 1.95
CA PRO B 75 -12.81 2.55 0.90
C PRO B 75 -12.30 3.99 0.88
N THR B 76 -12.40 4.64 -0.28
CA THR B 76 -11.94 6.02 -0.43
C THR B 76 -13.10 6.91 -0.80
N PRO B 77 -12.95 8.21 -0.57
CA PRO B 77 -14.00 9.17 -0.88
C PRO B 77 -14.52 9.11 -2.31
N ASP B 78 -13.62 8.86 -3.26
CA ASP B 78 -14.00 8.80 -4.68
C ASP B 78 -14.31 7.40 -5.24
N SER B 79 -14.99 6.60 -4.44
CA SER B 79 -15.44 5.25 -4.83
C SER B 79 -14.41 4.17 -5.17
N CYS B 80 -13.20 4.27 -4.62
CA CYS B 80 -12.18 3.25 -4.89
C CYS B 80 -11.95 2.41 -3.63
N ILE B 81 -11.10 1.39 -3.77
CA ILE B 81 -10.76 0.51 -2.65
C ILE B 81 -9.26 0.21 -2.65
N ILE B 82 -8.63 0.34 -1.49
CA ILE B 82 -7.21 0.08 -1.35
C ILE B 82 -7.02 -1.26 -0.62
N SER B 83 -6.27 -2.16 -1.23
CA SER B 83 -6.02 -3.45 -0.61
C SER B 83 -4.53 -3.60 -0.32
N MET B 84 -4.17 -3.88 0.93
CA MET B 84 -2.76 -4.04 1.24
C MET B 84 -2.47 -5.37 1.93
N VAL B 85 -1.54 -6.11 1.35
CA VAL B 85 -1.18 -7.43 1.84
C VAL B 85 0.24 -7.52 2.36
N VAL B 86 0.47 -8.47 3.25
CA VAL B 86 1.79 -8.74 3.79
C VAL B 86 1.76 -10.28 3.91
N GLY B 87 2.75 -10.95 3.34
CA GLY B 87 2.75 -12.39 3.41
C GLY B 87 4.01 -13.05 2.94
N GLN B 88 3.90 -14.31 2.55
CA GLN B 88 5.05 -15.09 2.08
C GLN B 88 4.82 -15.70 0.72
N LEU B 89 5.91 -15.90 -0.02
CA LEU B 89 5.84 -16.49 -1.34
C LEU B 89 7.04 -17.40 -1.55
N LYS B 90 6.89 -18.36 -2.45
CA LYS B 90 7.96 -19.30 -2.74
C LYS B 90 8.02 -19.67 -4.22
N ALA B 91 9.12 -19.28 -4.87
CA ALA B 91 9.35 -19.57 -6.28
C ALA B 91 10.07 -20.91 -6.44
N ASP B 92 9.42 -21.85 -7.13
CA ASP B 92 9.96 -23.19 -7.35
C ASP B 92 10.64 -23.77 -6.10
N GLU B 93 11.94 -24.04 -6.17
CA GLU B 93 12.66 -24.62 -5.03
C GLU B 93 13.36 -23.54 -4.21
N ASP B 94 13.27 -22.30 -4.69
CA ASP B 94 13.89 -21.19 -3.99
C ASP B 94 13.32 -21.11 -2.60
N PRO B 95 14.08 -20.51 -1.67
CA PRO B 95 13.69 -20.34 -0.27
C PRO B 95 12.51 -19.37 -0.12
N ILE B 96 11.72 -19.56 0.94
CA ILE B 96 10.57 -18.70 1.19
C ILE B 96 10.98 -17.27 1.49
N MET B 97 10.26 -16.32 0.90
CA MET B 97 10.56 -14.90 1.08
C MET B 97 9.34 -14.07 1.47
N GLY B 98 9.58 -13.02 2.26
CA GLY B 98 8.51 -12.14 2.66
C GLY B 98 8.25 -11.10 1.56
N PHE B 99 7.07 -10.49 1.58
CA PHE B 99 6.75 -9.47 0.59
C PHE B 99 5.64 -8.57 1.06
N HIS B 100 5.45 -7.48 0.35
CA HIS B 100 4.38 -6.53 0.61
C HIS B 100 3.76 -6.22 -0.73
N GLN B 101 2.45 -6.00 -0.75
CA GLN B 101 1.76 -5.68 -1.98
C GLN B 101 0.50 -4.85 -1.74
N MET B 102 0.33 -3.80 -2.53
CA MET B 102 -0.83 -2.95 -2.40
C MET B 102 -1.50 -2.82 -3.77
N PHE B 103 -2.82 -2.80 -3.76
CA PHE B 103 -3.62 -2.69 -4.97
C PHE B 103 -4.65 -1.57 -4.79
N LEU B 104 -4.82 -0.73 -5.81
CA LEU B 104 -5.81 0.32 -5.76
C LEU B 104 -6.84 -0.13 -6.78
N LEU B 105 -8.06 -0.37 -6.32
CA LEU B 105 -9.13 -0.84 -7.21
C LEU B 105 -10.18 0.22 -7.56
N LYS B 106 -10.79 0.05 -8.72
CA LYS B 106 -11.83 0.94 -9.18
C LYS B 106 -12.85 0.15 -9.99
N ASN B 107 -14.08 0.62 -10.02
CA ASN B 107 -15.12 -0.07 -10.78
C ASN B 107 -15.31 0.63 -12.12
N ILE B 108 -14.78 0.01 -13.18
CA ILE B 108 -14.89 0.56 -14.54
C ILE B 108 -15.53 -0.46 -15.45
N ASN B 109 -16.59 -0.05 -16.16
CA ASN B 109 -17.31 -0.94 -17.07
C ASN B 109 -18.11 -1.95 -16.26
N ASP B 110 -18.45 -1.57 -15.03
CA ASP B 110 -19.21 -2.43 -14.13
C ASP B 110 -18.43 -3.68 -13.75
N ALA B 111 -17.27 -3.47 -13.14
CA ALA B 111 -16.42 -4.56 -12.72
C ALA B 111 -15.26 -3.93 -11.98
N TRP B 112 -14.83 -4.56 -10.90
CA TRP B 112 -13.71 -4.03 -10.16
C TRP B 112 -12.41 -4.47 -10.81
N VAL B 113 -11.52 -3.51 -11.06
CA VAL B 113 -10.23 -3.80 -11.67
C VAL B 113 -9.09 -3.04 -10.97
N CYS B 114 -7.87 -3.56 -11.07
CA CYS B 114 -6.73 -2.91 -10.42
C CYS B 114 -6.05 -1.88 -11.31
N THR B 115 -5.97 -0.64 -10.83
CA THR B 115 -5.33 0.40 -11.62
C THR B 115 -3.90 0.67 -11.16
N ASN B 116 -3.65 0.47 -9.87
CA ASN B 116 -2.34 0.70 -9.29
C ASN B 116 -1.91 -0.51 -8.48
N ASP B 117 -0.69 -0.98 -8.72
CA ASP B 117 -0.14 -2.15 -8.06
C ASP B 117 1.34 -1.95 -7.71
N MET B 118 1.66 -2.10 -6.43
CA MET B 118 3.04 -1.97 -5.95
C MET B 118 3.43 -3.22 -5.20
N PHE B 119 4.59 -3.78 -5.55
CA PHE B 119 5.09 -5.00 -4.94
C PHE B 119 6.50 -4.82 -4.41
N ARG B 120 6.78 -5.38 -3.23
CA ARG B 120 8.12 -5.31 -2.63
C ARG B 120 8.50 -6.59 -1.93
N LEU B 121 9.73 -7.04 -2.16
CA LEU B 121 10.25 -8.25 -1.53
C LEU B 121 10.75 -7.89 -0.15
N ALA B 122 10.66 -8.86 0.77
CA ALA B 122 11.01 -8.60 2.16
C ALA B 122 12.50 -8.88 2.26
N LEU B 123 13.16 -8.04 3.04
CA LEU B 123 14.59 -8.17 3.26
C LEU B 123 14.82 -8.86 4.61
N HIS B 124 15.00 -10.18 4.60
CA HIS B 124 15.26 -10.85 5.87
C HIS B 124 16.45 -10.13 6.48
#